data_2YG2
#
_entry.id   2YG2
#
_cell.length_a   68.280
_cell.length_b   68.280
_cell.length_c   135.580
_cell.angle_alpha   90.00
_cell.angle_beta   90.00
_cell.angle_gamma   120.00
#
_symmetry.space_group_name_H-M   'P 31 2 1'
#
loop_
_entity.id
_entity.type
_entity.pdbx_description
1 polymer 'APOLIPOPROTEIN M'
2 non-polymer '(2S,3R,4E)-2-amino-3-hydroxyoctadec-4-en-1-yl dihydrogen phosphate'
3 non-polymer 'CITRATE ANION'
4 water water
#
_entity_poly.entity_id   1
_entity_poly.type   'polypeptide(L)'
_entity_poly.pdbx_seq_one_letter_code
;GSHMNQCPEHSQLTTLGVDGKEFPEVHLGQWYFIAGAAPTKEELATFDPVDNIVFNMAAGSAPMQLHLRATIRMKDGLCV
PRKWIYHLTEGSTDLRTEGRPDMKTELFSSSCPGGIMLNETGQGYQRFLLYNRSPHPPEKCVEEFKSLTSCLDSKAFLLT
PRNQEACELSNN
;
_entity_poly.pdbx_strand_id   A,B
#
# COMPACT_ATOMS: atom_id res chain seq x y z
N CYS A 7 -18.83 -20.32 -20.05
CA CYS A 7 -18.79 -20.08 -18.57
C CYS A 7 -19.90 -20.88 -17.85
N PRO A 8 -19.83 -20.99 -16.49
CA PRO A 8 -20.58 -21.93 -15.65
C PRO A 8 -21.42 -22.99 -16.36
N SER A 11 -19.42 -21.89 -10.07
CA SER A 11 -18.01 -21.89 -10.45
C SER A 11 -17.42 -23.31 -10.38
N GLN A 12 -16.29 -23.52 -11.07
CA GLN A 12 -15.44 -24.68 -10.78
C GLN A 12 -14.37 -24.22 -9.78
N LEU A 13 -14.62 -23.04 -9.22
CA LEU A 13 -13.79 -22.43 -8.18
C LEU A 13 -13.79 -23.35 -6.97
N THR A 14 -12.60 -23.78 -6.56
CA THR A 14 -12.46 -24.76 -5.49
C THR A 14 -11.62 -24.22 -4.36
N THR A 15 -12.22 -24.09 -3.19
CA THR A 15 -11.56 -23.50 -2.05
C THR A 15 -10.56 -24.46 -1.45
N LEU A 16 -9.38 -23.94 -1.09
CA LEU A 16 -8.47 -24.62 -0.19
C LEU A 16 -8.68 -24.04 1.20
N GLY A 17 -8.94 -24.93 2.15
CA GLY A 17 -9.29 -24.51 3.49
C GLY A 17 -8.23 -24.83 4.50
N VAL A 18 -7.97 -23.87 5.38
CA VAL A 18 -7.14 -24.13 6.57
C VAL A 18 -7.92 -24.14 7.92
N ASP A 19 -9.22 -23.80 7.89
CA ASP A 19 -10.12 -24.00 9.06
C ASP A 19 -10.01 -25.47 9.48
N GLY A 20 -9.88 -26.35 8.48
CA GLY A 20 -9.39 -27.72 8.68
C GLY A 20 -7.84 -27.75 8.66
N GLU A 22 -1.56 -31.40 6.93
CA GLU A 22 -2.05 -30.05 7.17
C GLU A 22 -1.64 -29.10 6.06
N PHE A 23 -2.55 -28.19 5.72
CA PHE A 23 -2.26 -27.14 4.75
C PHE A 23 -0.91 -26.42 4.99
N PRO A 24 -0.63 -26.00 6.24
CA PRO A 24 0.58 -25.26 6.47
C PRO A 24 1.82 -26.01 6.00
N GLU A 25 2.03 -27.20 6.55
CA GLU A 25 3.23 -27.97 6.26
C GLU A 25 3.46 -28.23 4.76
N VAL A 26 2.38 -28.54 4.05
N VAL A 26 2.40 -28.57 4.04
CA VAL A 26 2.47 -28.91 2.65
CA VAL A 26 2.54 -28.93 2.62
C VAL A 26 2.95 -27.70 1.83
C VAL A 26 2.95 -27.70 1.80
N HIS A 27 2.45 -26.52 2.18
CA HIS A 27 2.72 -25.30 1.40
C HIS A 27 3.92 -24.48 1.81
N LEU A 28 4.72 -25.00 2.75
CA LEU A 28 5.96 -24.33 3.16
C LEU A 28 6.91 -24.21 1.99
N GLY A 29 7.70 -23.14 1.99
CA GLY A 29 8.83 -23.02 1.05
C GLY A 29 8.49 -22.01 -0.05
N GLN A 30 9.09 -22.23 -1.21
CA GLN A 30 9.10 -21.19 -2.24
C GLN A 30 7.99 -21.33 -3.26
N TRP A 31 7.54 -20.17 -3.73
CA TRP A 31 6.48 -20.04 -4.69
C TRP A 31 6.89 -18.91 -5.61
N TYR A 32 6.46 -18.99 -6.87
CA TYR A 32 6.73 -17.93 -7.86
C TYR A 32 5.43 -17.28 -8.32
N PHE A 33 5.46 -15.96 -8.53
CA PHE A 33 4.30 -15.24 -9.04
C PHE A 33 4.23 -15.30 -10.56
N ILE A 34 3.14 -15.87 -11.04
CA ILE A 34 2.98 -16.14 -12.47
C ILE A 34 2.08 -15.13 -13.16
N ALA A 35 0.91 -14.83 -12.59
CA ALA A 35 -0.07 -14.01 -13.31
C ALA A 35 -1.08 -13.44 -12.38
N GLY A 36 -1.79 -12.43 -12.84
CA GLY A 36 -2.91 -11.89 -12.09
C GLY A 36 -4.07 -11.63 -13.04
N ALA A 37 -5.27 -11.52 -12.47
CA ALA A 37 -6.46 -11.16 -13.23
C ALA A 37 -7.38 -10.39 -12.30
N ALA A 38 -8.11 -9.42 -12.86
CA ALA A 38 -8.93 -8.60 -12.02
C ALA A 38 -10.02 -7.97 -12.86
N PRO A 39 -11.04 -7.39 -12.21
CA PRO A 39 -12.09 -6.72 -12.99
C PRO A 39 -11.53 -5.60 -13.90
N THR A 40 -10.55 -4.86 -13.40
CA THR A 40 -9.86 -3.86 -14.23
C THR A 40 -8.34 -3.78 -14.02
N LYS A 41 -7.65 -3.13 -14.95
CA LYS A 41 -6.20 -3.14 -14.94
C LYS A 41 -5.60 -2.35 -13.79
N GLU A 42 -6.34 -1.35 -13.26
CA GLU A 42 -5.79 -0.47 -12.22
C GLU A 42 -5.42 -1.27 -11.00
N GLU A 43 -6.21 -2.31 -10.70
CA GLU A 43 -5.91 -3.10 -9.52
C GLU A 43 -4.82 -4.17 -9.70
N LEU A 44 -4.22 -4.22 -10.89
CA LEU A 44 -3.05 -5.03 -11.15
C LEU A 44 -1.80 -4.22 -11.43
N ALA A 45 -1.97 -2.91 -11.54
CA ALA A 45 -0.89 -2.05 -12.03
C ALA A 45 0.30 -2.03 -11.09
N THR A 46 0.04 -2.31 -9.82
CA THR A 46 1.11 -2.49 -8.80
C THR A 46 2.19 -3.49 -9.25
N PHE A 47 1.77 -4.45 -10.06
CA PHE A 47 2.71 -5.43 -10.61
C PHE A 47 3.39 -5.04 -11.93
N ASP A 48 3.06 -3.89 -12.50
CA ASP A 48 3.63 -3.53 -13.81
C ASP A 48 5.17 -3.50 -13.85
N PRO A 49 5.83 -3.03 -12.78
CA PRO A 49 7.29 -2.97 -12.85
C PRO A 49 7.99 -4.28 -12.46
N VAL A 50 7.24 -5.35 -12.31
CA VAL A 50 7.79 -6.61 -11.83
C VAL A 50 8.23 -7.53 -12.96
N ASP A 51 9.46 -8.04 -12.90
CA ASP A 51 9.85 -9.13 -13.79
C ASP A 51 9.44 -10.48 -13.19
N ASN A 52 9.79 -10.71 -11.93
CA ASN A 52 9.43 -11.96 -11.26
C ASN A 52 9.44 -11.77 -9.75
N ILE A 53 8.81 -12.67 -9.01
CA ILE A 53 8.89 -12.61 -7.54
C ILE A 53 8.99 -14.03 -7.03
N VAL A 54 9.95 -14.27 -6.14
CA VAL A 54 9.97 -15.51 -5.38
C VAL A 54 9.51 -15.22 -3.96
N PHE A 55 8.64 -16.09 -3.45
CA PHE A 55 8.09 -15.97 -2.12
C PHE A 55 8.55 -17.16 -1.30
N ASN A 56 8.60 -16.97 0.02
CA ASN A 56 8.80 -18.08 0.94
C ASN A 56 7.81 -17.98 2.08
N MET A 57 7.08 -19.06 2.28
CA MET A 57 6.12 -19.12 3.37
CA MET A 57 6.09 -19.19 3.34
C MET A 57 6.65 -20.04 4.45
N ALA A 58 6.43 -19.61 5.69
CA ALA A 58 6.94 -20.33 6.85
C ALA A 58 5.96 -20.17 8.00
N ALA A 59 6.05 -21.08 8.97
CA ALA A 59 5.18 -21.05 10.13
C ALA A 59 5.43 -19.77 10.93
N GLY A 60 4.38 -19.21 11.52
CA GLY A 60 4.53 -18.07 12.41
C GLY A 60 5.00 -18.44 13.80
N SER A 61 5.17 -17.44 14.65
CA SER A 61 5.72 -17.66 15.99
C SER A 61 4.75 -17.28 17.09
N ALA A 62 3.53 -16.97 16.69
CA ALA A 62 2.44 -16.70 17.62
C ALA A 62 1.17 -17.32 17.03
N PRO A 63 0.13 -17.57 17.87
CA PRO A 63 -1.03 -18.31 17.39
C PRO A 63 -1.65 -17.72 16.11
N MET A 64 -1.95 -18.59 15.16
CA MET A 64 -2.65 -18.25 13.92
C MET A 64 -1.80 -17.44 12.93
N GLN A 65 -0.51 -17.27 13.20
CA GLN A 65 0.31 -16.43 12.32
C GLN A 65 1.09 -17.24 11.31
N LEU A 66 1.39 -16.61 10.18
CA LEU A 66 2.28 -17.17 9.17
C LEU A 66 3.21 -16.07 8.71
N HIS A 67 4.45 -16.42 8.37
CA HIS A 67 5.43 -15.46 7.84
C HIS A 67 5.53 -15.58 6.35
N LEU A 68 5.39 -14.47 5.63
CA LEU A 68 5.60 -14.50 4.20
C LEU A 68 6.74 -13.58 3.86
N ARG A 69 7.73 -14.09 3.12
CA ARG A 69 8.86 -13.26 2.66
CA ARG A 69 8.86 -13.27 2.68
C ARG A 69 8.95 -13.32 1.15
N ALA A 70 9.53 -12.29 0.55
CA ALA A 70 9.74 -12.32 -0.91
C ALA A 70 10.93 -11.51 -1.26
N THR A 71 11.45 -11.76 -2.47
CA THR A 71 12.35 -10.80 -3.10
C THR A 71 11.80 -10.56 -4.50
N ILE A 72 11.54 -9.31 -4.79
CA ILE A 72 10.98 -8.92 -6.07
C ILE A 72 12.08 -8.53 -7.02
N ARG A 73 12.14 -9.17 -8.19
CA ARG A 73 12.99 -8.67 -9.28
C ARG A 73 12.22 -7.65 -10.10
N MET A 74 12.64 -6.40 -10.03
CA MET A 74 12.04 -5.37 -10.87
C MET A 74 12.54 -5.46 -12.31
N LYS A 75 11.77 -4.88 -13.23
CA LYS A 75 12.15 -4.97 -14.65
C LYS A 75 13.48 -4.24 -14.88
N ASP A 76 13.77 -3.25 -14.03
CA ASP A 76 15.06 -2.56 -14.08
C ASP A 76 16.22 -3.32 -13.39
N GLY A 77 15.95 -4.55 -12.98
CA GLY A 77 17.00 -5.45 -12.53
C GLY A 77 17.20 -5.44 -11.03
N LEU A 78 16.63 -4.47 -10.36
CA LEU A 78 16.78 -4.38 -8.92
C LEU A 78 16.05 -5.48 -8.17
N CYS A 79 16.67 -5.93 -7.09
CA CYS A 79 16.08 -6.90 -6.17
C CYS A 79 15.60 -6.19 -4.93
N VAL A 80 14.33 -6.41 -4.59
CA VAL A 80 13.70 -5.70 -3.48
C VAL A 80 13.09 -6.69 -2.49
N PRO A 81 13.69 -6.77 -1.29
CA PRO A 81 13.15 -7.67 -0.26
C PRO A 81 11.83 -7.16 0.30
N ARG A 82 10.92 -8.08 0.58
CA ARG A 82 9.66 -7.72 1.23
C ARG A 82 9.29 -8.75 2.28
N LYS A 83 8.47 -8.32 3.24
CA LYS A 83 7.92 -9.28 4.20
C LYS A 83 6.54 -8.87 4.67
N TRP A 84 5.73 -9.86 5.01
CA TRP A 84 4.38 -9.67 5.57
C TRP A 84 4.12 -10.70 6.66
N ILE A 85 3.22 -10.40 7.59
CA ILE A 85 2.73 -11.37 8.55
C ILE A 85 1.25 -11.57 8.29
N TYR A 86 0.88 -12.83 8.00
CA TYR A 86 -0.53 -13.16 7.80
C TYR A 86 -1.12 -13.81 9.05
N HIS A 87 -2.43 -13.71 9.20
CA HIS A 87 -3.16 -14.28 10.33
CA HIS A 87 -3.15 -14.29 10.33
C HIS A 87 -4.31 -15.13 9.80
N LEU A 88 -4.43 -16.36 10.30
CA LEU A 88 -5.55 -17.23 9.96
C LEU A 88 -6.74 -16.84 10.82
N THR A 89 -7.85 -16.49 10.18
CA THR A 89 -9.04 -16.07 10.89
C THR A 89 -9.69 -17.28 11.58
N GLU A 90 -10.03 -17.13 12.84
CA GLU A 90 -10.54 -18.29 13.60
C GLU A 90 -11.88 -18.73 12.99
N GLY A 91 -12.05 -20.04 12.81
CA GLY A 91 -13.32 -20.58 12.26
C GLY A 91 -13.63 -20.07 10.86
N SER A 92 -12.58 -19.91 10.08
CA SER A 92 -12.72 -19.31 8.76
C SER A 92 -11.65 -19.82 7.82
N THR A 93 -11.87 -19.65 6.52
CA THR A 93 -10.90 -20.07 5.53
C THR A 93 -10.07 -18.88 5.06
N ASP A 94 -10.40 -17.68 5.52
CA ASP A 94 -9.79 -16.40 5.08
CA ASP A 94 -9.68 -16.52 4.98
C ASP A 94 -8.53 -16.04 5.87
N LEU A 95 -7.63 -15.26 5.26
CA LEU A 95 -6.47 -14.80 5.97
C LEU A 95 -6.43 -13.29 5.98
N ARG A 96 -5.99 -12.75 7.11
CA ARG A 96 -5.76 -11.31 7.24
C ARG A 96 -4.28 -11.05 7.11
N THR A 97 -3.93 -9.79 6.91
CA THR A 97 -2.53 -9.42 6.77
C THR A 97 -2.27 -8.27 7.73
N GLU A 98 -1.24 -8.42 8.57
CA GLU A 98 -0.92 -7.37 9.53
C GLU A 98 -0.68 -6.04 8.86
N GLY A 99 -1.26 -5.00 9.46
CA GLY A 99 -1.05 -3.64 8.98
C GLY A 99 -1.99 -3.20 7.87
N ARG A 100 -2.82 -4.13 7.40
CA ARG A 100 -3.77 -3.88 6.32
C ARG A 100 -5.17 -4.31 6.72
N PRO A 101 -5.85 -3.48 7.50
CA PRO A 101 -7.06 -3.95 8.13
C PRO A 101 -8.18 -4.26 7.13
N ASP A 102 -8.13 -3.64 5.96
CA ASP A 102 -9.14 -3.78 4.90
C ASP A 102 -8.92 -5.02 4.04
N MET A 103 -7.76 -5.67 4.20
CA MET A 103 -7.40 -6.73 3.26
CA MET A 103 -7.30 -6.75 3.29
C MET A 103 -7.80 -8.13 3.71
N LYS A 104 -8.26 -8.93 2.74
CA LYS A 104 -8.56 -10.34 3.02
C LYS A 104 -8.04 -11.17 1.85
N THR A 105 -7.62 -12.39 2.17
CA THR A 105 -7.14 -13.31 1.15
C THR A 105 -7.85 -14.65 1.29
N GLU A 106 -8.32 -15.19 0.17
CA GLU A 106 -8.88 -16.51 0.11
C GLU A 106 -8.01 -17.37 -0.79
N LEU A 107 -7.84 -18.67 -0.44
CA LEU A 107 -6.99 -19.57 -1.22
C LEU A 107 -7.82 -20.59 -1.98
N PHE A 108 -7.37 -20.88 -3.19
CA PHE A 108 -8.07 -21.79 -4.09
C PHE A 108 -7.09 -22.74 -4.74
N SER A 109 -7.54 -23.96 -5.02
CA SER A 109 -6.72 -24.88 -5.81
C SER A 109 -6.71 -24.37 -7.25
N SER A 110 -5.73 -24.82 -8.03
CA SER A 110 -5.73 -24.47 -9.43
C SER A 110 -5.61 -25.74 -10.25
N SER A 111 -5.79 -25.61 -11.55
CA SER A 111 -5.78 -26.78 -12.43
C SER A 111 -4.44 -27.51 -12.47
N CYS A 112 -3.34 -26.78 -12.30
CA CYS A 112 -2.01 -27.37 -12.41
C CYS A 112 -1.42 -27.84 -11.10
N PRO A 113 -0.66 -28.95 -11.14
CA PRO A 113 -0.23 -29.62 -9.91
C PRO A 113 0.50 -28.70 -8.93
N GLY A 114 1.48 -27.96 -9.45
CA GLY A 114 2.30 -27.16 -8.57
C GLY A 114 1.71 -25.79 -8.34
N GLY A 115 0.42 -25.60 -8.64
CA GLY A 115 -0.19 -24.25 -8.56
C GLY A 115 -1.03 -23.94 -7.35
N ILE A 116 -1.28 -22.65 -7.11
CA ILE A 116 -2.23 -22.20 -6.09
C ILE A 116 -2.73 -20.83 -6.57
N MET A 117 -4.00 -20.55 -6.27
CA MET A 117 -4.60 -19.27 -6.67
C MET A 117 -5.10 -18.53 -5.44
N LEU A 118 -4.84 -17.25 -5.38
CA LEU A 118 -5.38 -16.41 -4.32
C LEU A 118 -6.46 -15.50 -4.91
N ASN A 119 -7.48 -15.17 -4.10
CA ASN A 119 -8.29 -13.97 -4.38
C ASN A 119 -8.02 -13.01 -3.24
N GLU A 120 -7.53 -11.81 -3.58
CA GLU A 120 -7.33 -10.76 -2.57
C GLU A 120 -8.43 -9.75 -2.69
N THR A 121 -8.93 -9.28 -1.56
CA THR A 121 -9.85 -8.13 -1.61
C THR A 121 -9.33 -7.07 -0.65
N GLY A 122 -9.59 -5.83 -1.02
CA GLY A 122 -9.35 -4.74 -0.10
C GLY A 122 -10.39 -3.67 -0.36
N GLN A 123 -10.14 -2.47 0.14
CA GLN A 123 -11.09 -1.37 -0.04
CA GLN A 123 -11.11 -1.38 -0.03
C GLN A 123 -11.29 -1.05 -1.51
N GLY A 124 -12.43 -1.39 -2.08
CA GLY A 124 -12.73 -1.04 -3.47
C GLY A 124 -12.22 -1.98 -4.55
N TYR A 125 -11.49 -3.04 -4.21
CA TYR A 125 -10.95 -3.91 -5.31
C TYR A 125 -10.78 -5.37 -4.89
N GLN A 126 -10.75 -6.21 -5.94
CA GLN A 126 -10.43 -7.61 -5.80
C GLN A 126 -9.50 -8.01 -6.94
N ARG A 127 -8.74 -9.09 -6.73
CA ARG A 127 -7.91 -9.61 -7.84
C ARG A 127 -7.60 -11.05 -7.56
N PHE A 128 -7.45 -11.83 -8.62
CA PHE A 128 -6.96 -13.19 -8.51
C PHE A 128 -5.50 -13.23 -8.86
N LEU A 129 -4.74 -14.04 -8.13
CA LEU A 129 -3.26 -14.06 -8.32
C LEU A 129 -2.81 -15.52 -8.39
N LEU A 130 -2.00 -15.86 -9.39
CA LEU A 130 -1.62 -17.25 -9.68
C LEU A 130 -0.15 -17.45 -9.32
N TYR A 131 0.11 -18.48 -8.51
CA TYR A 131 1.48 -18.84 -8.09
C TYR A 131 1.76 -20.28 -8.47
N ASN A 132 3.04 -20.62 -8.59
CA ASN A 132 3.41 -22.01 -8.86
C ASN A 132 4.73 -22.33 -8.20
N ARG A 133 4.92 -23.60 -7.89
CA ARG A 133 6.21 -24.08 -7.37
C ARG A 133 7.31 -23.92 -8.40
N SER A 134 6.92 -23.93 -9.68
CA SER A 134 7.86 -23.73 -10.77
C SER A 134 7.90 -22.28 -11.20
N PRO A 135 9.09 -21.74 -11.53
CA PRO A 135 9.12 -20.36 -12.02
C PRO A 135 8.61 -20.24 -13.44
N HIS A 136 8.49 -21.37 -14.14
CA HIS A 136 8.06 -21.39 -15.54
C HIS A 136 7.15 -22.57 -15.80
N PRO A 137 5.92 -22.53 -15.26
CA PRO A 137 4.99 -23.64 -15.38
C PRO A 137 4.48 -23.75 -16.83
N PRO A 138 3.94 -24.91 -17.22
CA PRO A 138 3.42 -25.05 -18.58
C PRO A 138 2.43 -23.95 -18.93
N GLU A 139 2.47 -23.52 -20.19
CA GLU A 139 1.54 -22.46 -20.65
C GLU A 139 0.06 -22.80 -20.40
N LYS A 140 -0.27 -24.10 -20.41
CA LYS A 140 -1.67 -24.53 -20.10
C LYS A 140 -2.18 -24.09 -18.74
N CYS A 141 -1.28 -23.97 -17.76
CA CYS A 141 -1.65 -23.55 -16.42
C CYS A 141 -2.13 -22.12 -16.46
N VAL A 142 -1.39 -21.30 -17.22
CA VAL A 142 -1.70 -19.88 -17.37
C VAL A 142 -3.03 -19.74 -18.13
N GLU A 143 -3.21 -20.55 -19.17
CA GLU A 143 -4.46 -20.48 -19.94
C GLU A 143 -5.67 -20.83 -19.14
N GLU A 144 -5.57 -21.86 -18.31
CA GLU A 144 -6.71 -22.32 -17.51
C GLU A 144 -7.07 -21.28 -16.47
N PHE A 145 -6.04 -20.62 -15.91
CA PHE A 145 -6.24 -19.52 -14.95
C PHE A 145 -6.94 -18.35 -15.61
N LYS A 146 -6.48 -17.97 -16.81
CA LYS A 146 -7.09 -16.86 -17.53
C LYS A 146 -8.55 -17.14 -17.87
N SER A 147 -8.84 -18.39 -18.23
CA SER A 147 -10.20 -18.76 -18.58
C SER A 147 -11.14 -18.75 -17.40
N LEU A 148 -10.68 -19.32 -16.28
CA LEU A 148 -11.45 -19.37 -15.07
C LEU A 148 -11.76 -17.96 -14.62
N THR A 149 -10.74 -17.11 -14.60
CA THR A 149 -10.94 -15.75 -14.06
C THR A 149 -11.79 -14.90 -15.03
N SER A 150 -11.62 -15.10 -16.34
CA SER A 150 -12.45 -14.35 -17.31
C SER A 150 -13.93 -14.68 -17.10
N CYS A 151 -14.20 -15.94 -16.82
CA CYS A 151 -15.58 -16.37 -16.62
C CYS A 151 -16.18 -15.83 -15.34
N LEU A 152 -15.32 -15.51 -14.38
CA LEU A 152 -15.73 -14.89 -13.13
C LEU A 152 -15.75 -13.36 -13.22
N ASP A 153 -15.59 -12.86 -14.42
CA ASP A 153 -15.62 -11.43 -14.71
C ASP A 153 -14.39 -10.65 -14.29
N SER A 154 -13.26 -11.35 -14.12
CA SER A 154 -11.95 -10.68 -13.93
C SER A 154 -11.15 -10.82 -15.24
N LYS A 155 -11.45 -9.95 -16.21
CA LYS A 155 -10.92 -10.07 -17.56
C LYS A 155 -9.65 -9.27 -17.81
N ALA A 156 -9.34 -8.31 -16.95
CA ALA A 156 -8.02 -7.63 -17.06
C ALA A 156 -6.95 -8.58 -16.59
N PHE A 157 -5.88 -8.71 -17.37
CA PHE A 157 -4.91 -9.77 -17.15
C PHE A 157 -3.49 -9.25 -17.11
N LEU A 158 -2.64 -9.90 -16.33
CA LEU A 158 -1.22 -9.53 -16.27
C LEU A 158 -0.45 -10.83 -16.23
N LEU A 159 0.52 -10.99 -17.13
CA LEU A 159 1.42 -12.13 -17.05
C LEU A 159 2.80 -11.63 -16.65
N THR A 160 3.41 -12.13 -15.56
CA THR A 160 4.78 -11.70 -15.27
C THR A 160 5.73 -12.21 -16.36
N PRO A 161 6.68 -11.35 -16.82
CA PRO A 161 7.49 -11.78 -17.95
C PRO A 161 8.53 -12.84 -17.59
N ARG A 162 9.06 -12.78 -16.37
CA ARG A 162 10.02 -13.76 -15.87
C ARG A 162 11.19 -13.98 -16.86
N ASN A 163 11.72 -12.85 -17.33
CA ASN A 163 12.85 -12.86 -18.28
C ASN A 163 14.20 -12.74 -17.60
N GLN A 164 14.19 -12.40 -16.32
CA GLN A 164 15.40 -12.25 -15.52
C GLN A 164 15.46 -13.34 -14.46
N GLU A 165 16.64 -13.53 -13.88
CA GLU A 165 16.84 -14.48 -12.81
C GLU A 165 16.06 -14.07 -11.58
N ALA A 166 15.64 -15.07 -10.81
CA ALA A 166 15.10 -14.80 -9.48
C ALA A 166 16.18 -14.12 -8.63
N CYS A 167 15.75 -13.29 -7.70
CA CYS A 167 16.61 -12.73 -6.66
C CYS A 167 16.84 -13.75 -5.54
N GLU A 168 17.93 -13.56 -4.80
CA GLU A 168 18.17 -14.36 -3.61
C GLU A 168 17.08 -14.13 -2.55
N LEU A 169 16.66 -15.23 -1.91
CA LEU A 169 15.72 -15.20 -0.79
C LEU A 169 16.13 -16.32 0.16
N SER A 170 16.47 -15.97 1.40
CA SER A 170 16.96 -16.97 2.35
C SER A 170 15.88 -18.03 2.71
N ASN A 171 16.34 -19.23 3.05
CA ASN A 171 15.44 -20.34 3.35
C ASN A 171 14.73 -20.16 4.68
N ASN A 172 15.32 -19.66 5.64
N LEU B 13 9.68 19.89 19.15
CA LEU B 13 9.06 20.37 17.88
C LEU B 13 9.61 21.73 17.47
N THR B 14 10.16 21.81 16.25
CA THR B 14 10.75 23.05 15.74
C THR B 14 9.85 23.72 14.69
N THR B 15 9.19 24.81 15.10
CA THR B 15 8.24 25.53 14.25
C THR B 15 8.87 26.17 13.01
N LEU B 16 8.11 26.20 11.91
CA LEU B 16 8.50 26.87 10.66
C LEU B 16 7.58 28.07 10.40
N GLY B 17 8.21 29.21 10.11
CA GLY B 17 7.48 30.45 9.85
C GLY B 17 7.09 30.56 8.38
N VAL B 18 5.91 31.13 8.14
CA VAL B 18 5.42 31.33 6.78
C VAL B 18 5.35 32.81 6.40
N GLU B 22 10.72 34.32 1.47
CA GLU B 22 11.27 33.18 0.71
C GLU B 22 10.47 31.90 0.85
N PHE B 23 9.63 31.83 1.88
CA PHE B 23 8.90 30.59 2.16
C PHE B 23 8.11 30.02 0.98
N PRO B 24 7.26 30.86 0.33
CA PRO B 24 6.50 30.28 -0.80
C PRO B 24 7.46 29.75 -1.88
N GLU B 25 8.50 30.53 -2.21
CA GLU B 25 9.50 30.12 -3.20
C GLU B 25 10.11 28.76 -2.92
N VAL B 26 10.67 28.61 -1.71
CA VAL B 26 11.42 27.41 -1.38
C VAL B 26 10.53 26.17 -1.47
N HIS B 27 9.27 26.31 -1.06
CA HIS B 27 8.37 25.15 -1.01
C HIS B 27 7.47 24.90 -2.21
N LEU B 28 7.67 25.67 -3.29
CA LEU B 28 6.91 25.42 -4.51
C LEU B 28 7.15 23.98 -4.97
N GLY B 29 6.18 23.40 -5.65
CA GLY B 29 6.45 22.11 -6.33
C GLY B 29 5.88 20.93 -5.58
N GLN B 30 6.42 19.75 -5.83
CA GLN B 30 5.80 18.50 -5.43
C GLN B 30 6.20 17.98 -4.08
N TRP B 31 5.24 17.37 -3.40
CA TRP B 31 5.46 16.79 -2.08
C TRP B 31 4.63 15.49 -2.05
N TYR B 32 5.06 14.52 -1.25
CA TYR B 32 4.36 13.23 -1.12
C TYR B 32 3.93 13.00 0.32
N PHE B 33 2.74 12.43 0.50
CA PHE B 33 2.22 12.12 1.84
C PHE B 33 2.76 10.77 2.32
N ILE B 34 3.48 10.80 3.43
CA ILE B 34 4.17 9.61 3.95
C ILE B 34 3.47 8.92 5.12
N ALA B 35 3.11 9.69 6.14
CA ALA B 35 2.60 9.06 7.37
C ALA B 35 1.80 10.05 8.19
N GLY B 36 0.95 9.53 9.07
CA GLY B 36 0.18 10.34 9.99
C GLY B 36 0.17 9.75 11.39
N ALA B 37 0.04 10.65 12.35
CA ALA B 37 -0.01 10.30 13.77
C ALA B 37 -1.10 11.12 14.44
N ALA B 38 -1.89 10.46 15.28
CA ALA B 38 -3.01 11.09 15.95
C ALA B 38 -3.31 10.44 17.31
N PRO B 39 -4.10 11.14 18.16
CA PRO B 39 -4.55 10.54 19.41
C PRO B 39 -5.33 9.23 19.24
N THR B 40 -6.16 9.12 18.20
CA THR B 40 -6.96 7.92 17.92
C THR B 40 -6.94 7.59 16.43
N LYS B 41 -7.26 6.35 16.09
CA LYS B 41 -7.22 5.94 14.68
C LYS B 41 -8.29 6.66 13.85
N GLU B 42 -9.37 7.08 14.49
CA GLU B 42 -10.44 7.80 13.78
C GLU B 42 -10.02 9.16 13.22
N GLU B 43 -9.03 9.78 13.85
CA GLU B 43 -8.51 11.07 13.39
C GLU B 43 -7.56 10.87 12.21
N LEU B 44 -7.34 9.63 11.81
CA LEU B 44 -6.53 9.35 10.62
C LEU B 44 -7.31 8.58 9.58
N ALA B 45 -8.59 8.31 9.86
CA ALA B 45 -9.43 7.54 8.95
C ALA B 45 -9.51 8.12 7.54
N THR B 46 -9.33 9.45 7.43
CA THR B 46 -9.18 10.17 6.15
C THR B 46 -8.28 9.42 5.20
N PHE B 47 -7.25 8.78 5.74
CA PHE B 47 -6.19 8.23 4.92
C PHE B 47 -6.28 6.73 4.77
N ASP B 48 -7.28 6.09 5.40
CA ASP B 48 -7.42 4.64 5.36
C ASP B 48 -7.52 4.06 3.93
N PRO B 49 -8.23 4.75 3.00
CA PRO B 49 -8.35 4.11 1.68
C PRO B 49 -7.32 4.57 0.63
N VAL B 50 -6.24 5.16 1.12
CA VAL B 50 -5.26 5.80 0.25
C VAL B 50 -4.03 4.92 0.06
N ASP B 51 -3.58 4.81 -1.19
CA ASP B 51 -2.29 4.20 -1.46
C ASP B 51 -1.19 5.27 -1.36
N ASN B 52 -1.37 6.41 -2.05
CA ASN B 52 -0.37 7.49 -2.02
C ASN B 52 -1.04 8.82 -2.41
N ILE B 53 -0.38 9.95 -2.10
CA ILE B 53 -0.92 11.23 -2.56
C ILE B 53 0.29 12.05 -2.98
N VAL B 54 0.20 12.61 -4.18
CA VAL B 54 1.17 13.63 -4.66
C VAL B 54 0.48 14.99 -4.61
N PHE B 55 1.21 15.98 -4.10
CA PHE B 55 0.73 17.36 -3.91
C PHE B 55 1.59 18.29 -4.76
N ASN B 56 1.02 19.40 -5.21
CA ASN B 56 1.80 20.46 -5.84
C ASN B 56 1.40 21.79 -5.25
N MET B 57 2.39 22.55 -4.82
CA MET B 57 2.08 23.89 -4.34
CA MET B 57 2.16 23.89 -4.28
C MET B 57 2.55 24.91 -5.35
N ALA B 58 1.66 25.84 -5.67
CA ALA B 58 1.96 26.96 -6.56
C ALA B 58 1.55 28.28 -5.91
N ALA B 59 2.22 29.36 -6.30
CA ALA B 59 1.93 30.68 -5.75
C ALA B 59 0.65 31.28 -6.33
N PRO B 63 0.19 37.32 -3.49
CA PRO B 63 -1.10 37.63 -2.85
C PRO B 63 -1.27 37.03 -1.44
N MET B 64 -0.25 36.29 -0.98
CA MET B 64 -0.31 35.49 0.27
C MET B 64 -1.29 34.30 0.14
N GLN B 65 -1.70 34.01 -1.09
CA GLN B 65 -2.53 32.84 -1.40
C GLN B 65 -1.62 31.77 -1.98
N LEU B 66 -1.79 30.55 -1.49
CA LEU B 66 -1.04 29.40 -1.98
C LEU B 66 -2.06 28.44 -2.57
N HIS B 67 -1.83 28.00 -3.80
CA HIS B 67 -2.71 27.05 -4.48
C HIS B 67 -2.15 25.67 -4.31
N LEU B 68 -2.89 24.80 -3.62
CA LEU B 68 -2.44 23.43 -3.39
C LEU B 68 -3.32 22.50 -4.19
N ARG B 69 -2.69 21.71 -5.06
CA ARG B 69 -3.37 20.66 -5.79
C ARG B 69 -2.84 19.34 -5.29
N ALA B 70 -3.67 18.31 -5.44
CA ALA B 70 -3.21 16.96 -5.17
C ALA B 70 -3.90 16.02 -6.08
N THR B 71 -3.32 14.84 -6.25
CA THR B 71 -4.11 13.73 -6.79
C THR B 71 -3.89 12.55 -5.84
N ILE B 72 -4.99 12.01 -5.36
CA ILE B 72 -4.95 10.90 -4.41
C ILE B 72 -5.10 9.61 -5.20
N ARG B 73 -4.15 8.70 -5.02
CA ARG B 73 -4.29 7.33 -5.57
C ARG B 73 -4.94 6.49 -4.49
N MET B 74 -6.18 6.10 -4.73
CA MET B 74 -6.89 5.22 -3.83
CA MET B 74 -6.86 5.22 -3.78
C MET B 74 -6.33 3.80 -3.89
N LYS B 75 -6.58 3.01 -2.85
CA LYS B 75 -6.12 1.63 -2.83
C LYS B 75 -6.62 0.82 -4.04
N ASP B 76 -7.82 1.13 -4.53
CA ASP B 76 -8.39 0.44 -5.69
C ASP B 76 -7.92 1.02 -7.04
N GLY B 77 -7.01 1.99 -7.02
CA GLY B 77 -6.35 2.49 -8.24
C GLY B 77 -6.95 3.78 -8.78
N LEU B 78 -8.10 4.18 -8.25
CA LEU B 78 -8.75 5.40 -8.72
C LEU B 78 -7.93 6.64 -8.37
N CYS B 79 -7.80 7.54 -9.36
CA CYS B 79 -7.15 8.84 -9.11
C CYS B 79 -8.19 9.94 -8.84
N VAL B 80 -8.04 10.62 -7.70
CA VAL B 80 -8.99 11.63 -7.23
C VAL B 80 -8.25 12.96 -7.15
N PRO B 81 -8.50 13.84 -8.12
CA PRO B 81 -7.88 15.17 -8.03
C PRO B 81 -8.53 16.04 -6.96
N ARG B 82 -7.71 16.83 -6.27
CA ARG B 82 -8.20 17.71 -5.23
C ARG B 82 -7.54 19.07 -5.40
N LYS B 83 -8.23 20.11 -4.91
CA LYS B 83 -7.61 21.45 -4.75
C LYS B 83 -8.03 22.11 -3.45
N TRP B 84 -7.12 22.90 -2.88
CA TRP B 84 -7.41 23.75 -1.75
C TRP B 84 -6.73 25.10 -2.00
N ILE B 85 -7.23 26.15 -1.36
CA ILE B 85 -6.52 27.43 -1.31
C ILE B 85 -6.16 27.68 0.14
N TYR B 86 -4.85 27.84 0.38
CA TYR B 86 -4.35 28.20 1.69
C TYR B 86 -3.99 29.68 1.75
N HIS B 87 -4.37 30.32 2.84
CA HIS B 87 -4.16 31.75 2.98
C HIS B 87 -3.17 31.99 4.10
N LEU B 88 -2.20 32.87 3.80
CA LEU B 88 -1.23 33.34 4.76
C LEU B 88 -1.66 34.72 5.21
N THR B 89 -1.53 35.01 6.50
CA THR B 89 -1.73 36.38 6.99
C THR B 89 -0.39 36.89 7.49
N GLU B 90 -0.22 38.21 7.42
CA GLU B 90 1.05 38.81 7.76
C GLU B 90 1.22 38.78 9.29
N GLY B 91 2.20 37.99 9.77
CA GLY B 91 2.49 37.89 11.21
C GLY B 91 1.84 36.71 11.91
N SER B 92 1.44 35.72 11.11
CA SER B 92 0.92 34.48 11.65
C SER B 92 1.64 33.31 11.00
N THR B 93 1.89 32.27 11.86
CA THR B 93 2.42 31.00 11.39
C THR B 93 1.29 30.06 10.97
N ASP B 94 0.08 30.35 11.46
CA ASP B 94 -1.07 29.53 11.12
C ASP B 94 -1.50 29.78 9.70
N LEU B 95 -1.65 28.68 8.96
CA LEU B 95 -2.16 28.74 7.61
C LEU B 95 -3.62 28.37 7.66
N ARG B 96 -4.45 29.23 7.09
CA ARG B 96 -5.88 29.01 7.02
C ARG B 96 -6.22 28.35 5.68
N THR B 97 -7.33 27.62 5.66
CA THR B 97 -7.77 26.95 4.44
C THR B 97 -9.11 27.53 4.03
N GLU B 98 -9.17 28.09 2.81
CA GLU B 98 -10.42 28.67 2.28
C GLU B 98 -11.58 27.69 2.39
N GLY B 99 -12.64 28.11 3.08
CA GLY B 99 -13.84 27.28 3.22
C GLY B 99 -13.94 26.46 4.50
N ARG B 100 -12.86 26.43 5.28
CA ARG B 100 -12.85 25.70 6.54
C ARG B 100 -12.45 26.65 7.67
N PRO B 101 -13.41 27.48 8.15
CA PRO B 101 -13.05 28.49 9.16
C PRO B 101 -12.40 27.93 10.43
N ASP B 102 -12.80 26.73 10.85
CA ASP B 102 -12.29 26.14 12.11
C ASP B 102 -10.93 25.41 11.97
N MET B 103 -10.47 25.25 10.73
CA MET B 103 -9.22 24.54 10.47
C MET B 103 -7.99 25.41 10.71
N LYS B 104 -6.98 24.84 11.38
CA LYS B 104 -5.67 25.48 11.52
C LYS B 104 -4.59 24.49 11.09
N THR B 105 -3.53 25.02 10.47
CA THR B 105 -2.40 24.20 10.02
C THR B 105 -1.10 24.90 10.44
N GLU B 106 -0.32 24.21 11.27
CA GLU B 106 1.03 24.67 11.71
C GLU B 106 2.08 23.81 11.02
N LEU B 107 3.15 24.46 10.60
CA LEU B 107 4.26 23.77 9.95
C LEU B 107 5.42 23.56 10.90
N PHE B 108 6.05 22.40 10.78
CA PHE B 108 7.23 22.09 11.58
C PHE B 108 8.36 21.54 10.71
N SER B 109 9.59 21.89 11.10
CA SER B 109 10.79 21.31 10.53
C SER B 109 10.80 19.81 10.82
N SER B 110 11.09 19.04 9.79
CA SER B 110 11.24 17.61 9.93
C SER B 110 12.67 17.30 10.31
N SER B 111 12.89 16.14 10.92
CA SER B 111 14.23 15.72 11.32
C SER B 111 15.07 15.31 10.12
N CYS B 112 14.43 14.78 9.09
CA CYS B 112 15.14 14.22 7.96
C CYS B 112 15.06 15.08 6.69
N PRO B 113 16.08 14.99 5.82
CA PRO B 113 16.16 15.87 4.65
C PRO B 113 14.98 15.73 3.69
N GLY B 114 14.50 16.87 3.22
CA GLY B 114 13.39 16.95 2.29
C GLY B 114 12.05 16.76 2.94
N GLY B 115 12.01 16.77 4.27
CA GLY B 115 10.76 16.52 5.01
C GLY B 115 10.12 17.77 5.56
N ILE B 116 8.84 17.67 5.85
CA ILE B 116 8.11 18.76 6.46
C ILE B 116 6.97 18.12 7.24
N MET B 117 6.61 18.74 8.36
CA MET B 117 5.58 18.19 9.23
C MET B 117 4.50 19.21 9.44
N LEU B 118 3.28 18.73 9.37
CA LEU B 118 2.13 19.57 9.64
C LEU B 118 1.54 19.09 10.96
N ASN B 119 0.99 20.04 11.71
CA ASN B 119 0.01 19.75 12.73
C ASN B 119 -1.27 20.38 12.23
N GLU B 120 -2.24 19.52 11.97
CA GLU B 120 -3.53 19.92 11.47
C GLU B 120 -4.58 19.67 12.54
N THR B 121 -5.43 20.68 12.76
CA THR B 121 -6.58 20.55 13.66
C THR B 121 -7.82 21.09 12.97
N GLY B 122 -8.97 20.49 13.29
CA GLY B 122 -10.25 20.96 12.78
C GLY B 122 -11.32 20.35 13.66
N GLN B 123 -12.58 20.46 13.25
CA GLN B 123 -13.68 19.95 14.09
C GLN B 123 -13.47 18.45 14.37
N GLY B 124 -13.19 18.14 15.64
CA GLY B 124 -13.10 16.75 16.10
C GLY B 124 -11.79 16.02 15.85
N TYR B 125 -10.77 16.74 15.41
CA TYR B 125 -9.49 16.08 15.13
C TYR B 125 -8.26 16.93 15.39
N GLN B 126 -7.20 16.24 15.78
CA GLN B 126 -5.82 16.77 15.76
C GLN B 126 -4.96 15.65 15.20
N ARG B 127 -4.04 16.00 14.29
CA ARG B 127 -3.13 15.01 13.76
C ARG B 127 -1.83 15.62 13.24
N PHE B 128 -0.74 14.86 13.39
CA PHE B 128 0.53 15.21 12.79
C PHE B 128 0.65 14.49 11.45
N LEU B 129 1.05 15.22 10.41
CA LEU B 129 1.13 14.65 9.04
C LEU B 129 2.53 14.88 8.49
N LEU B 130 3.12 13.83 7.93
CA LEU B 130 4.49 13.88 7.46
C LEU B 130 4.54 13.82 5.93
N TYR B 131 5.26 14.78 5.34
CA TYR B 131 5.43 14.84 3.88
C TYR B 131 6.90 14.85 3.55
N ASN B 132 7.25 14.42 2.35
CA ASN B 132 8.65 14.53 1.94
C ASN B 132 8.71 14.86 0.47
N ARG B 133 9.80 15.49 0.05
CA ARG B 133 10.07 15.70 -1.38
C ARG B 133 10.27 14.38 -2.12
N SER B 134 10.71 13.35 -1.38
CA SER B 134 10.80 12.00 -1.94
C SER B 134 9.52 11.18 -1.71
N PRO B 135 9.08 10.39 -2.70
CA PRO B 135 7.97 9.46 -2.52
C PRO B 135 8.32 8.28 -1.61
N HIS B 136 9.61 8.00 -1.47
CA HIS B 136 10.06 6.85 -0.68
C HIS B 136 11.27 7.26 0.13
N PRO B 137 11.08 8.16 1.12
CA PRO B 137 12.24 8.59 1.91
C PRO B 137 12.82 7.45 2.76
N PRO B 138 14.05 7.64 3.28
CA PRO B 138 14.65 6.58 4.10
C PRO B 138 13.76 6.21 5.28
N GLU B 139 13.72 4.93 5.59
CA GLU B 139 12.96 4.38 6.73
C GLU B 139 13.17 5.20 8.01
N LYS B 140 14.41 5.64 8.23
CA LYS B 140 14.76 6.45 9.38
C LYS B 140 13.84 7.66 9.60
N CYS B 141 13.37 8.26 8.50
CA CYS B 141 12.50 9.44 8.55
C CYS B 141 11.17 9.11 9.23
N VAL B 142 10.61 7.97 8.83
CA VAL B 142 9.34 7.47 9.33
C VAL B 142 9.49 7.14 10.80
N GLU B 143 10.55 6.39 11.12
CA GLU B 143 10.84 5.97 12.50
C GLU B 143 11.00 7.15 13.46
N GLU B 144 11.71 8.19 13.01
CA GLU B 144 11.88 9.43 13.78
C GLU B 144 10.53 10.09 14.06
N PHE B 145 9.75 10.28 13.00
CA PHE B 145 8.39 10.84 13.09
C PHE B 145 7.50 10.02 14.03
N LYS B 146 7.58 8.70 13.92
CA LYS B 146 6.81 7.81 14.77
C LYS B 146 7.17 8.03 16.24
N SER B 147 8.46 7.95 16.54
CA SER B 147 8.96 8.18 17.88
C SER B 147 8.50 9.52 18.44
N LEU B 148 8.86 10.60 17.73
CA LEU B 148 8.51 11.96 18.12
C LEU B 148 7.03 12.14 18.46
N THR B 149 6.15 11.68 17.56
CA THR B 149 4.71 11.83 17.77
C THR B 149 4.17 10.90 18.86
N SER B 150 4.74 9.71 18.97
CA SER B 150 4.32 8.74 19.99
C SER B 150 4.61 9.22 21.42
N CYS B 151 5.75 9.89 21.59
CA CYS B 151 6.10 10.55 22.84
C CYS B 151 5.23 11.79 23.10
N LEU B 152 4.61 12.30 22.04
CA LEU B 152 3.71 13.46 22.13
C LEU B 152 2.25 13.00 22.30
N ASP B 153 2.10 11.71 22.65
CA ASP B 153 0.81 11.07 22.91
C ASP B 153 -0.16 11.01 21.73
N SER B 154 0.37 11.22 20.51
CA SER B 154 -0.35 10.91 19.29
C SER B 154 0.02 9.48 18.90
N LYS B 155 -0.63 8.52 19.57
CA LYS B 155 -0.21 7.11 19.51
C LYS B 155 -0.71 6.30 18.30
N ALA B 156 -1.86 6.68 17.73
CA ALA B 156 -2.35 6.03 16.52
C ALA B 156 -1.50 6.48 15.37
N PHE B 157 -1.16 5.53 14.50
CA PHE B 157 -0.20 5.72 13.41
C PHE B 157 -0.68 5.12 12.09
N LEU B 158 -0.37 5.82 11.00
CA LEU B 158 -0.70 5.34 9.67
C LEU B 158 0.48 5.66 8.76
N LEU B 159 0.95 4.64 8.05
CA LEU B 159 1.97 4.83 7.00
C LEU B 159 1.36 4.50 5.66
N THR B 160 1.45 5.42 4.69
CA THR B 160 0.82 5.14 3.39
C THR B 160 1.62 4.02 2.70
N PRO B 161 0.91 3.07 2.06
CA PRO B 161 1.60 1.92 1.51
C PRO B 161 2.47 2.24 0.32
N ARG B 162 2.01 3.17 -0.53
CA ARG B 162 2.78 3.63 -1.69
C ARG B 162 3.26 2.48 -2.60
N ASN B 163 2.33 1.56 -2.89
CA ASN B 163 2.60 0.42 -3.74
C ASN B 163 2.10 0.60 -5.18
N GLN B 164 1.48 1.74 -5.46
CA GLN B 164 1.12 2.11 -6.80
C GLN B 164 1.83 3.37 -7.20
N GLU B 165 1.87 3.61 -8.50
CA GLU B 165 2.41 4.87 -9.05
C GLU B 165 1.62 6.07 -8.56
N ALA B 166 2.27 7.24 -8.49
CA ALA B 166 1.53 8.46 -8.28
C ALA B 166 0.60 8.68 -9.48
N CYS B 167 -0.54 9.30 -9.24
CA CYS B 167 -1.41 9.78 -10.32
C CYS B 167 -0.81 11.01 -10.99
N GLU B 168 -1.33 11.33 -12.17
CA GLU B 168 -1.01 12.61 -12.81
C GLU B 168 -1.53 13.78 -12.05
N LEU B 169 -0.75 14.85 -12.07
CA LEU B 169 -0.99 16.05 -11.30
C LEU B 169 -0.63 17.28 -12.12
#